data_3PV4
#
_entry.id   3PV4
#
_cell.length_a   110.890
_cell.length_b   110.890
_cell.length_c   67.933
_cell.angle_alpha   90.000
_cell.angle_beta   90.000
_cell.angle_gamma   120.000
#
_symmetry.space_group_name_H-M   'H 3'
#
loop_
_entity.id
_entity.type
_entity.pdbx_description
1 polymer DegQ
2 non-polymer 'CADMIUM ION'
#
_entity_poly.entity_id   1
_entity_poly.type   'polypeptide(L)'
_entity_poly.pdbx_seq_one_letter_code
;MRGSHHHHHHGSAEPPNMPSMAPVLKNIMPAIVNVAVQGYLPNDVTPPGSAGNDEENQPNNRPPQSRMPEKGRKFESIGS
GVIIDPNNGVIITNDHVIRNASLITVTLQDGRRLKARLIGGDSETDLAVLKIDAKNLKSLVIGDSDKLEVGDFVVAIGNP
FGLNSFGNSQSATFGIVSALKRSDLNIEGVENFIQTDAAINPGNSGGALVNAKGELIGINTAILSPYGGNVGIGFAIPIN
MVKDVAQQIIKFGSIHRGLMGIFVQHLTPELAQAMGYPEDFQGALVSQVNPNSPAELAGLKAGDIITQINDTKITQATQV
KTTISLLRVGSTVKIIVERDNKPLTLSAVVTDIK
;
_entity_poly.pdbx_strand_id   A
#
# COMPACT_ATOMS: atom_id res chain seq x y z
N MET A 18 3.44 19.64 -31.77
CA MET A 18 2.16 19.55 -31.00
C MET A 18 2.16 18.39 -29.97
N PRO A 19 3.14 18.38 -29.03
CA PRO A 19 3.13 17.33 -28.01
C PRO A 19 1.75 17.08 -27.37
N SER A 20 1.58 15.83 -26.93
CA SER A 20 0.31 15.37 -26.43
C SER A 20 0.58 14.14 -25.58
N MET A 21 -0.37 13.82 -24.71
CA MET A 21 -0.21 12.71 -23.78
C MET A 21 -0.98 11.48 -24.22
N ALA A 22 -1.85 11.62 -25.22
CA ALA A 22 -2.53 10.47 -25.79
C ALA A 22 -1.59 9.30 -26.07
N PRO A 23 -0.44 9.55 -26.72
CA PRO A 23 0.46 8.47 -27.10
C PRO A 23 0.77 7.49 -25.98
N VAL A 24 0.99 7.98 -24.78
CA VAL A 24 1.29 7.10 -23.65
C VAL A 24 0.01 6.61 -23.01
N LEU A 25 -1.02 7.45 -23.07
CA LEU A 25 -2.29 7.13 -22.48
C LEU A 25 -2.90 5.92 -23.11
N LYS A 26 -2.91 5.91 -24.45
CA LYS A 26 -3.26 4.71 -25.21
C LYS A 26 -2.67 3.49 -24.50
N ASN A 27 -1.34 3.48 -24.39
CA ASN A 27 -0.63 2.35 -23.81
C ASN A 27 -1.16 1.92 -22.43
N ILE A 28 -1.34 2.87 -21.52
CA ILE A 28 -1.63 2.55 -20.10
C ILE A 28 -3.11 2.49 -19.66
N MET A 29 -4.05 2.47 -20.59
CA MET A 29 -5.47 2.38 -20.25
C MET A 29 -6.11 0.98 -20.23
N PRO A 30 -5.47 -0.03 -20.86
CA PRO A 30 -6.01 -1.37 -20.68
C PRO A 30 -6.04 -1.77 -19.21
N ALA A 31 -4.92 -1.52 -18.54
CA ALA A 31 -4.72 -1.84 -17.13
C ALA A 31 -5.52 -0.97 -16.17
N ILE A 32 -6.56 -0.30 -16.66
CA ILE A 32 -7.47 0.41 -15.76
C ILE A 32 -8.84 -0.26 -15.75
N VAL A 33 -9.36 -0.42 -14.55
CA VAL A 33 -10.58 -1.15 -14.32
C VAL A 33 -11.58 -0.28 -13.58
N ASN A 34 -12.84 -0.42 -13.95
CA ASN A 34 -13.91 0.11 -13.12
C ASN A 34 -14.27 -0.91 -12.04
N VAL A 35 -14.72 -0.41 -10.89
CA VAL A 35 -14.98 -1.26 -9.73
C VAL A 35 -16.31 -0.93 -9.06
N ALA A 36 -17.25 -1.87 -9.08
CA ALA A 36 -18.55 -1.66 -8.42
C ALA A 36 -18.64 -2.51 -7.16
N VAL A 37 -19.14 -1.90 -6.07
CA VAL A 37 -19.26 -2.58 -4.79
C VAL A 37 -20.70 -2.64 -4.32
N GLN A 38 -21.41 -3.67 -4.77
CA GLN A 38 -22.75 -3.92 -4.25
C GLN A 38 -22.54 -4.35 -2.80
N GLY A 39 -22.69 -3.37 -1.90
CA GLY A 39 -22.57 -3.60 -0.47
C GLY A 39 -23.86 -3.20 0.21
N TYR A 40 -24.09 -3.71 1.41
CA TYR A 40 -25.14 -3.19 2.26
C TYR A 40 -24.46 -2.31 3.27
N LEU A 41 -25.23 -1.45 3.92
CA LEU A 41 -24.66 -0.64 5.00
C LEU A 41 -25.06 -1.24 6.34
N PRO A 42 -24.06 -1.54 7.20
CA PRO A 42 -24.28 -2.36 8.39
C PRO A 42 -25.40 -1.85 9.32
N ASN A 43 -26.12 -2.80 9.91
CA ASN A 43 -27.11 -2.52 10.97
C ASN A 43 -26.65 -1.44 11.96
N ARG A 73 -29.94 -0.85 4.77
CA ARG A 73 -29.95 0.04 3.62
C ARG A 73 -28.84 -0.36 2.63
N LYS A 74 -29.21 -0.61 1.38
CA LYS A 74 -28.21 -0.95 0.35
C LYS A 74 -27.42 0.28 -0.08
N PHE A 75 -26.33 0.03 -0.79
CA PHE A 75 -25.65 1.07 -1.57
C PHE A 75 -24.91 0.44 -2.75
N GLU A 76 -24.35 1.27 -3.59
CA GLU A 76 -23.43 0.81 -4.61
C GLU A 76 -22.31 1.82 -4.73
N SER A 77 -21.24 1.62 -3.97
CA SER A 77 -20.03 2.42 -4.09
C SER A 77 -19.26 1.96 -5.32
N ILE A 78 -18.72 2.92 -6.06
CA ILE A 78 -18.06 2.61 -7.31
C ILE A 78 -16.83 3.50 -7.46
N GLY A 79 -15.72 2.90 -7.88
CA GLY A 79 -14.47 3.62 -8.10
C GLY A 79 -13.73 3.11 -9.32
N SER A 80 -12.43 3.36 -9.36
CA SER A 80 -11.55 2.80 -10.39
C SER A 80 -10.42 2.05 -9.72
N GLY A 81 -9.69 1.26 -10.49
CA GLY A 81 -8.62 0.43 -9.96
C GLY A 81 -7.59 0.12 -11.01
N VAL A 82 -6.48 -0.46 -10.56
CA VAL A 82 -5.37 -0.74 -11.46
C VAL A 82 -4.70 -2.09 -11.20
N ILE A 83 -4.40 -2.78 -12.29
CA ILE A 83 -3.81 -4.10 -12.25
C ILE A 83 -2.30 -3.98 -12.27
N ILE A 84 -1.66 -4.44 -11.21
CA ILE A 84 -0.20 -4.30 -11.08
C ILE A 84 0.52 -5.59 -11.44
N ASP A 85 -0.12 -6.74 -11.13
CA ASP A 85 0.33 -8.05 -11.63
C ASP A 85 -0.76 -8.59 -12.54
N PRO A 86 -0.43 -8.78 -13.82
CA PRO A 86 -1.37 -9.38 -14.76
C PRO A 86 -1.44 -10.91 -14.64
N ASN A 87 -0.38 -11.55 -14.15
CA ASN A 87 -0.37 -13.01 -14.03
C ASN A 87 -1.29 -13.48 -12.92
N ASN A 88 -0.96 -13.07 -11.69
CA ASN A 88 -1.79 -13.39 -10.55
C ASN A 88 -3.06 -12.53 -10.55
N GLY A 89 -3.17 -11.64 -11.54
CA GLY A 89 -4.39 -10.85 -11.73
C GLY A 89 -4.70 -10.00 -10.52
N VAL A 90 -3.69 -9.26 -10.07
CA VAL A 90 -3.82 -8.45 -8.86
C VAL A 90 -4.28 -7.05 -9.22
N ILE A 91 -5.37 -6.61 -8.59
CA ILE A 91 -5.83 -5.26 -8.75
C ILE A 91 -5.62 -4.48 -7.47
N ILE A 92 -5.29 -3.20 -7.62
CA ILE A 92 -5.28 -2.29 -6.49
C ILE A 92 -6.35 -1.21 -6.65
N THR A 93 -6.82 -0.72 -5.51
CA THR A 93 -7.94 0.19 -5.45
C THR A 93 -7.97 0.86 -4.08
N ASN A 94 -9.00 1.65 -3.83
CA ASN A 94 -9.16 2.37 -2.58
C ASN A 94 -9.75 1.51 -1.49
N ASP A 95 -9.37 1.82 -0.25
CA ASP A 95 -9.87 1.08 0.89
C ASP A 95 -11.35 1.37 1.01
N HIS A 96 -11.72 2.63 0.87
CA HIS A 96 -13.09 3.07 1.13
C HIS A 96 -14.11 2.60 0.10
N VAL A 97 -13.65 2.15 -1.05
CA VAL A 97 -14.57 1.71 -2.10
C VAL A 97 -15.14 0.33 -1.73
N ILE A 98 -14.26 -0.58 -1.34
CA ILE A 98 -14.63 -1.94 -0.92
C ILE A 98 -15.07 -2.02 0.54
N ARG A 99 -15.10 -0.88 1.25
CA ARG A 99 -15.70 -0.85 2.58
C ARG A 99 -17.17 -1.31 2.50
N ASN A 100 -17.53 -2.27 3.35
CA ASN A 100 -18.90 -2.83 3.44
C ASN A 100 -19.34 -3.65 2.19
N ALA A 101 -18.35 -4.17 1.46
CA ALA A 101 -18.62 -4.88 0.22
C ALA A 101 -19.20 -6.26 0.48
N SER A 102 -20.44 -6.45 0.04
CA SER A 102 -21.05 -7.78 -0.03
C SER A 102 -20.67 -8.37 -1.39
N LEU A 103 -20.75 -7.52 -2.42
CA LEU A 103 -20.38 -7.88 -3.80
C LEU A 103 -19.25 -6.99 -4.31
N ILE A 104 -18.43 -7.55 -5.19
CA ILE A 104 -17.24 -6.88 -5.66
C ILE A 104 -17.06 -7.29 -7.10
N THR A 105 -17.31 -6.35 -8.01
CA THR A 105 -17.30 -6.62 -9.45
C THR A 105 -16.42 -5.61 -10.20
N VAL A 106 -15.61 -6.13 -11.14
CA VAL A 106 -14.61 -5.35 -11.86
C VAL A 106 -14.86 -5.35 -13.36
N THR A 107 -15.33 -4.22 -13.88
CA THR A 107 -15.45 -4.06 -15.32
C THR A 107 -14.06 -3.80 -15.89
N LEU A 108 -13.63 -4.68 -16.78
CA LEU A 108 -12.42 -4.45 -17.55
C LEU A 108 -12.63 -3.31 -18.53
N GLN A 109 -11.53 -2.90 -19.14
CA GLN A 109 -11.57 -1.83 -20.11
C GLN A 109 -12.12 -2.38 -21.41
N ASP A 110 -11.79 -3.64 -21.73
CA ASP A 110 -12.31 -4.31 -22.92
C ASP A 110 -13.75 -4.74 -22.73
N GLY A 111 -14.24 -4.64 -21.49
CA GLY A 111 -15.67 -4.82 -21.19
C GLY A 111 -15.97 -5.92 -20.20
N ARG A 112 -15.07 -6.90 -20.09
CA ARG A 112 -15.34 -8.08 -19.26
C ARG A 112 -15.69 -7.72 -17.82
N ARG A 113 -17.00 -7.59 -17.54
CA ARG A 113 -17.48 -7.53 -16.14
C ARG A 113 -17.01 -8.81 -15.45
N LEU A 114 -16.57 -8.70 -14.19
CA LEU A 114 -15.89 -9.81 -13.49
C LEU A 114 -16.14 -9.88 -11.98
N LYS A 115 -15.88 -11.04 -11.40
CA LYS A 115 -15.92 -11.24 -9.97
C LYS A 115 -14.53 -11.01 -9.39
N ALA A 116 -14.44 -10.12 -8.39
CA ALA A 116 -13.18 -9.83 -7.69
C ALA A 116 -13.18 -10.44 -6.30
N ARG A 117 -11.99 -10.50 -5.69
CA ARG A 117 -11.83 -10.99 -4.32
C ARG A 117 -10.97 -10.06 -3.45
N LEU A 118 -11.51 -9.61 -2.33
CA LEU A 118 -10.75 -8.78 -1.42
C LEU A 118 -9.60 -9.56 -0.80
N ILE A 119 -8.42 -9.41 -1.37
CA ILE A 119 -7.20 -9.93 -0.75
C ILE A 119 -6.94 -9.19 0.53
N GLY A 120 -6.96 -7.86 0.48
CA GLY A 120 -6.69 -7.09 1.70
C GLY A 120 -6.73 -5.59 1.58
N GLY A 121 -6.54 -4.94 2.72
CA GLY A 121 -6.80 -3.52 2.83
C GLY A 121 -5.69 -2.83 3.55
N ASP A 122 -5.81 -1.50 3.65
CA ASP A 122 -4.86 -0.70 4.38
C ASP A 122 -5.44 0.70 4.51
N SER A 123 -6.33 0.91 5.48
CA SER A 123 -6.90 2.24 5.75
C SER A 123 -5.76 3.19 6.12
N GLU A 124 -4.78 2.67 6.86
CA GLU A 124 -3.59 3.45 7.25
C GLU A 124 -3.02 4.28 6.03
N THR A 125 -3.17 3.74 4.81
CA THR A 125 -2.84 4.45 3.54
C THR A 125 -3.95 4.34 2.51
N ASP A 126 -5.20 4.21 2.94
CA ASP A 126 -6.35 3.95 2.06
C ASP A 126 -6.13 2.99 0.88
N LEU A 127 -5.13 2.12 0.93
CA LEU A 127 -4.92 1.15 -0.15
C LEU A 127 -5.75 -0.11 0.10
N ALA A 128 -5.97 -0.89 -0.95
CA ALA A 128 -6.75 -2.13 -0.86
C ALA A 128 -6.44 -3.05 -2.03
N VAL A 129 -6.20 -4.32 -1.72
CA VAL A 129 -5.68 -5.29 -2.69
C VAL A 129 -6.74 -6.30 -3.03
N LEU A 130 -6.92 -6.55 -4.32
CA LEU A 130 -7.89 -7.52 -4.83
C LEU A 130 -7.28 -8.42 -5.91
N LYS A 131 -7.90 -9.57 -6.09
CA LYS A 131 -7.51 -10.54 -7.10
C LYS A 131 -8.74 -10.82 -7.93
N ILE A 132 -8.55 -10.85 -9.25
CA ILE A 132 -9.59 -11.31 -10.16
C ILE A 132 -9.02 -12.48 -10.94
N ASP A 133 -9.76 -13.59 -10.98
CA ASP A 133 -9.28 -14.83 -11.60
C ASP A 133 -9.60 -14.66 -13.09
N ALA A 134 -8.59 -14.54 -13.95
CA ALA A 134 -8.84 -14.24 -15.39
C ALA A 134 -7.65 -14.27 -16.37
N LYS A 135 -7.98 -14.21 -17.66
CA LYS A 135 -7.06 -14.48 -18.76
C LYS A 135 -6.75 -13.23 -19.60
N ASN A 136 -5.72 -13.34 -20.45
CA ASN A 136 -5.38 -12.35 -21.50
C ASN A 136 -5.25 -10.92 -20.96
N LEU A 137 -4.73 -10.80 -19.75
CA LEU A 137 -4.77 -9.56 -19.02
C LEU A 137 -3.53 -8.78 -19.34
N LYS A 138 -3.72 -7.50 -19.66
CA LYS A 138 -2.61 -6.63 -20.06
C LYS A 138 -2.23 -5.69 -18.91
N SER A 139 -0.94 -5.37 -18.82
CA SER A 139 -0.40 -4.46 -17.81
C SER A 139 0.64 -3.54 -18.40
N LEU A 140 0.68 -2.31 -17.86
CA LEU A 140 1.64 -1.30 -18.28
C LEU A 140 2.59 -0.89 -17.16
N VAL A 141 3.64 -0.19 -17.57
CA VAL A 141 4.86 -0.12 -16.78
C VAL A 141 4.68 0.61 -15.43
N ILE A 142 5.45 0.15 -14.45
CA ILE A 142 5.51 0.80 -13.15
C ILE A 142 6.88 1.49 -13.09
N GLY A 143 6.87 2.78 -12.78
CA GLY A 143 8.10 3.53 -12.55
C GLY A 143 8.53 3.41 -11.09
N ASP A 144 9.34 4.37 -10.64
CA ASP A 144 9.89 4.40 -9.27
C ASP A 144 9.70 5.79 -8.66
N SER A 145 8.88 5.86 -7.61
CA SER A 145 8.52 7.14 -6.96
C SER A 145 9.74 7.93 -6.54
N ASP A 146 10.77 7.22 -6.11
CA ASP A 146 12.01 7.85 -5.66
C ASP A 146 12.59 8.85 -6.69
N LYS A 147 12.29 8.64 -7.97
CA LYS A 147 12.65 9.61 -9.02
C LYS A 147 11.82 10.92 -8.98
N LEU A 148 10.65 10.92 -8.35
CA LEU A 148 9.72 12.08 -8.42
C LEU A 148 10.25 13.43 -7.90
N GLU A 149 10.54 14.33 -8.84
CA GLU A 149 10.77 15.74 -8.54
C GLU A 149 9.42 16.45 -8.58
N VAL A 150 9.31 17.55 -7.85
CA VAL A 150 8.15 18.43 -7.97
C VAL A 150 8.37 19.20 -9.27
N GLY A 151 7.27 19.58 -9.91
CA GLY A 151 7.31 20.20 -11.24
C GLY A 151 7.15 19.16 -12.32
N ASP A 152 7.38 17.89 -11.98
CA ASP A 152 7.25 16.79 -12.93
C ASP A 152 5.81 16.67 -13.34
N PHE A 153 5.63 16.38 -14.61
CA PHE A 153 4.30 16.38 -15.19
C PHE A 153 3.70 15.06 -14.88
N VAL A 154 2.42 15.08 -14.52
CA VAL A 154 1.64 13.86 -14.37
C VAL A 154 0.24 13.97 -14.99
N VAL A 155 -0.37 12.80 -15.21
CA VAL A 155 -1.78 12.67 -15.60
C VAL A 155 -2.47 11.64 -14.71
N ALA A 156 -3.61 12.02 -14.14
CA ALA A 156 -4.40 11.13 -13.30
C ALA A 156 -5.45 10.46 -14.17
N ILE A 157 -5.54 9.12 -14.14
CA ILE A 157 -6.43 8.37 -15.05
C ILE A 157 -7.40 7.49 -14.25
N GLY A 158 -8.59 7.24 -14.82
CA GLY A 158 -9.65 6.47 -14.14
C GLY A 158 -10.66 5.83 -15.08
N ASN A 159 -11.74 5.29 -14.53
CA ASN A 159 -12.78 4.62 -15.33
C ASN A 159 -14.09 4.67 -14.55
N PRO A 160 -14.64 5.89 -14.39
CA PRO A 160 -15.77 6.05 -13.46
C PRO A 160 -17.07 5.40 -13.95
N PHE A 161 -17.17 5.09 -15.25
CA PHE A 161 -18.38 4.53 -15.84
C PHE A 161 -18.09 3.29 -16.71
N GLY A 162 -18.67 2.15 -16.30
CA GLY A 162 -18.44 0.86 -16.97
C GLY A 162 -19.35 0.57 -18.16
N LEU A 163 -18.84 0.89 -19.36
CA LEU A 163 -19.55 0.70 -20.64
C LEU A 163 -18.58 0.41 -21.80
N SER A 169 -16.28 5.97 -21.46
CA SER A 169 -15.69 5.08 -20.45
C SER A 169 -14.50 5.69 -19.65
N GLN A 170 -13.43 6.13 -20.34
CA GLN A 170 -12.14 6.55 -19.70
C GLN A 170 -12.20 7.96 -19.09
N SER A 171 -11.13 8.41 -18.41
CA SER A 171 -11.09 9.78 -17.84
C SER A 171 -9.66 10.20 -17.42
N ALA A 172 -9.22 11.39 -17.85
CA ALA A 172 -7.83 11.86 -17.64
C ALA A 172 -7.71 13.35 -17.25
N THR A 173 -6.87 13.67 -16.25
CA THR A 173 -6.60 15.07 -15.87
C THR A 173 -5.09 15.35 -15.91
N PHE A 174 -4.72 16.64 -15.79
CA PHE A 174 -3.32 17.04 -15.97
C PHE A 174 -2.89 18.05 -14.93
N GLY A 175 -1.66 17.86 -14.46
CA GLY A 175 -1.01 18.75 -13.52
C GLY A 175 0.44 18.35 -13.32
N ILE A 176 0.99 18.75 -12.17
CA ILE A 176 2.34 18.38 -11.79
C ILE A 176 2.36 17.85 -10.37
N VAL A 177 3.45 17.18 -10.08
CA VAL A 177 3.83 16.89 -8.71
C VAL A 177 4.01 18.23 -8.03
N SER A 178 3.12 18.54 -7.09
CA SER A 178 3.17 19.80 -6.36
CA SER A 178 3.16 19.80 -6.36
C SER A 178 4.14 19.72 -5.18
N ALA A 179 3.90 18.79 -4.27
CA ALA A 179 4.69 18.64 -3.05
C ALA A 179 4.87 17.16 -2.70
N LEU A 180 5.95 16.82 -1.99
CA LEU A 180 6.18 15.45 -1.54
C LEU A 180 6.28 15.34 0.02
N LYS A 181 5.25 15.85 0.71
CA LYS A 181 5.22 15.97 2.19
C LYS A 181 6.61 15.91 2.85
N ASN A 192 2.86 9.49 3.91
CA ASN A 192 3.83 10.05 2.97
C ASN A 192 3.19 10.36 1.61
N PHE A 193 2.45 11.46 1.58
CA PHE A 193 1.65 11.87 0.41
C PHE A 193 2.46 12.40 -0.80
N ILE A 194 1.92 12.18 -2.00
CA ILE A 194 2.25 12.97 -3.20
C ILE A 194 1.13 13.98 -3.39
N GLN A 195 1.47 15.26 -3.55
CA GLN A 195 0.48 16.31 -3.82
C GLN A 195 0.53 16.72 -5.29
N THR A 196 -0.61 17.09 -5.86
CA THR A 196 -0.68 17.41 -7.28
C THR A 196 -1.87 18.31 -7.65
N ASP A 197 -1.70 19.10 -8.71
CA ASP A 197 -2.75 19.98 -9.20
C ASP A 197 -3.62 19.31 -10.28
N ALA A 198 -3.47 18.00 -10.47
CA ALA A 198 -4.36 17.24 -11.33
C ALA A 198 -5.62 16.94 -10.54
N ALA A 199 -6.77 16.97 -11.19
CA ALA A 199 -8.06 16.85 -10.55
C ALA A 199 -8.41 15.41 -10.22
N ILE A 200 -9.14 15.25 -9.12
CA ILE A 200 -9.53 13.93 -8.59
C ILE A 200 -10.99 13.89 -8.20
N SER A 205 -10.53 7.96 -8.63
CA SER A 205 -9.59 7.65 -7.54
C SER A 205 -9.40 6.15 -7.36
N GLY A 206 -8.23 5.77 -6.84
CA GLY A 206 -7.76 4.39 -6.85
C GLY A 206 -7.31 4.09 -8.26
N GLY A 207 -7.09 5.17 -9.03
CA GLY A 207 -6.67 5.08 -10.41
C GLY A 207 -5.17 5.23 -10.50
N ALA A 208 -4.64 5.24 -11.73
CA ALA A 208 -3.23 5.45 -11.96
C ALA A 208 -2.92 6.92 -11.89
N LEU A 209 -1.77 7.24 -11.29
CA LEU A 209 -1.07 8.48 -11.60
C LEU A 209 0.17 8.10 -12.39
N VAL A 210 0.46 8.86 -13.44
CA VAL A 210 1.61 8.54 -14.30
C VAL A 210 2.43 9.76 -14.62
N ASN A 211 3.72 9.53 -14.84
CA ASN A 211 4.66 10.60 -15.17
C ASN A 211 4.56 11.00 -16.63
N ALA A 212 5.37 11.96 -17.04
CA ALA A 212 5.50 12.38 -18.45
C ALA A 212 6.01 11.27 -19.38
N LYS A 213 6.77 10.30 -18.84
CA LYS A 213 7.10 9.07 -19.58
C LYS A 213 5.94 8.09 -19.64
N GLY A 214 4.83 8.46 -19.01
CA GLY A 214 3.62 7.64 -18.98
C GLY A 214 3.75 6.39 -18.11
N GLU A 215 4.66 6.43 -17.14
CA GLU A 215 4.92 5.28 -16.25
C GLU A 215 4.05 5.39 -15.01
N LEU A 216 3.60 4.25 -14.48
CA LEU A 216 2.83 4.24 -13.24
C LEU A 216 3.70 4.57 -12.02
N ILE A 217 3.53 5.78 -11.49
CA ILE A 217 4.33 6.29 -10.37
C ILE A 217 3.50 6.51 -9.11
N GLY A 218 2.18 6.46 -9.19
CA GLY A 218 1.33 6.70 -8.01
C GLY A 218 -0.04 6.08 -8.15
N ILE A 219 -0.79 6.08 -7.04
CA ILE A 219 -2.20 5.67 -7.04
C ILE A 219 -3.03 6.74 -6.34
N ASN A 220 -4.18 7.05 -6.89
CA ASN A 220 -4.95 8.22 -6.46
C ASN A 220 -5.84 7.94 -5.27
N THR A 221 -5.99 8.93 -4.38
CA THR A 221 -6.84 8.79 -3.20
C THR A 221 -7.51 10.08 -2.82
N ALA A 222 -8.74 10.29 -3.26
CA ALA A 222 -9.45 11.51 -2.93
C ALA A 222 -9.82 11.58 -1.44
N ILE A 223 -9.44 12.68 -0.77
CA ILE A 223 -9.75 12.90 0.65
C ILE A 223 -10.15 14.37 0.96
N LEU A 224 -11.15 14.53 1.84
CA LEU A 224 -11.72 15.84 2.31
C LEU A 224 -11.74 16.99 1.29
N VAL A 231 -10.61 23.50 -5.44
CA VAL A 231 -9.57 23.39 -4.42
C VAL A 231 -8.16 23.22 -5.03
N GLY A 232 -8.07 22.45 -6.12
CA GLY A 232 -6.82 22.32 -6.89
C GLY A 232 -5.69 21.51 -6.26
N ILE A 233 -6.05 20.56 -5.40
CA ILE A 233 -5.07 19.75 -4.65
C ILE A 233 -5.42 18.26 -4.76
N GLY A 234 -4.90 17.60 -5.80
CA GLY A 234 -4.96 16.14 -5.91
C GLY A 234 -3.96 15.50 -4.96
N PHE A 235 -4.20 14.22 -4.64
CA PHE A 235 -3.37 13.46 -3.68
C PHE A 235 -3.24 12.00 -4.09
N ALA A 236 -2.01 11.51 -4.12
CA ALA A 236 -1.71 10.17 -4.59
C ALA A 236 -0.80 9.48 -3.62
N ILE A 237 -0.65 8.17 -3.79
CA ILE A 237 0.27 7.39 -2.98
C ILE A 237 1.33 6.81 -3.89
N PRO A 238 2.61 7.05 -3.58
CA PRO A 238 3.73 6.58 -4.38
C PRO A 238 3.61 5.09 -4.69
N ILE A 239 3.99 4.66 -5.88
CA ILE A 239 3.85 3.26 -6.27
C ILE A 239 4.78 2.33 -5.48
N ASN A 240 5.88 2.90 -4.95
CA ASN A 240 6.82 2.17 -4.13
C ASN A 240 6.15 1.78 -2.82
N MET A 241 5.68 2.78 -2.10
CA MET A 241 4.88 2.58 -0.88
C MET A 241 3.71 1.66 -1.17
N VAL A 242 3.14 1.82 -2.36
CA VAL A 242 1.99 1.02 -2.75
C VAL A 242 2.35 -0.44 -3.08
N LYS A 243 3.57 -0.67 -3.58
CA LYS A 243 4.04 -2.04 -3.79
C LYS A 243 4.35 -2.73 -2.45
N ASP A 244 4.89 -1.97 -1.51
CA ASP A 244 5.27 -2.46 -0.18
C ASP A 244 4.05 -3.07 0.57
N VAL A 245 2.94 -2.31 0.65
CA VAL A 245 1.75 -2.77 1.34
C VAL A 245 1.10 -3.92 0.59
N ALA A 246 1.10 -3.85 -0.73
CA ALA A 246 0.42 -4.86 -1.55
C ALA A 246 1.07 -6.19 -1.34
N GLN A 247 2.35 -6.25 -1.73
CA GLN A 247 3.15 -7.45 -1.64
C GLN A 247 3.16 -7.99 -0.21
N GLN A 248 3.14 -7.09 0.75
CA GLN A 248 2.89 -7.43 2.16
C GLN A 248 1.52 -8.11 2.29
N ILE A 249 0.45 -7.39 1.93
CA ILE A 249 -0.92 -7.94 2.04
C ILE A 249 -1.08 -9.29 1.33
N ILE A 250 -0.42 -9.44 0.18
CA ILE A 250 -0.42 -10.70 -0.55
C ILE A 250 0.15 -11.81 0.33
N LYS A 251 1.34 -11.58 0.85
CA LYS A 251 2.06 -12.62 1.56
C LYS A 251 1.47 -12.91 2.94
N PHE A 252 0.65 -12.00 3.48
CA PHE A 252 -0.02 -12.30 4.74
C PHE A 252 -1.42 -11.67 4.79
N GLY A 253 -2.11 -11.90 5.89
CA GLY A 253 -3.24 -11.04 6.29
C GLY A 253 -2.57 -9.81 6.88
N SER A 254 -1.95 -9.05 5.99
CA SER A 254 -0.76 -8.33 6.37
C SER A 254 -0.93 -6.83 6.61
N ILE A 255 0.21 -6.15 6.47
CA ILE A 255 0.37 -4.73 6.63
C ILE A 255 -0.12 -4.24 8.00
N HIS A 256 0.85 -4.08 8.91
CA HIS A 256 0.59 -3.54 10.23
C HIS A 256 1.31 -2.21 10.46
N ARG A 257 2.59 -2.13 10.08
CA ARG A 257 3.39 -0.90 10.20
C ARG A 257 3.59 -0.64 11.69
N GLY A 258 4.65 0.05 12.07
CA GLY A 258 4.94 0.23 13.49
C GLY A 258 5.99 1.28 13.78
N LEU A 259 7.08 0.85 14.39
CA LEU A 259 8.15 1.80 14.72
C LEU A 259 8.88 2.24 13.45
N MET A 260 9.30 3.52 13.47
CA MET A 260 10.36 4.04 12.59
C MET A 260 10.43 3.32 11.26
N GLY A 261 9.40 3.51 10.43
CA GLY A 261 9.34 2.91 9.10
C GLY A 261 9.73 1.45 9.04
N ILE A 262 9.13 0.64 9.91
CA ILE A 262 9.25 -0.81 9.77
C ILE A 262 7.88 -1.44 9.68
N PHE A 263 7.88 -2.63 9.09
CA PHE A 263 6.69 -3.41 8.88
C PHE A 263 6.87 -4.66 9.71
N VAL A 264 5.84 -5.00 10.46
CA VAL A 264 5.90 -6.13 11.34
C VAL A 264 4.75 -7.06 11.01
N GLN A 265 4.94 -8.33 11.30
CA GLN A 265 3.89 -9.33 11.15
C GLN A 265 3.87 -10.23 12.39
N HIS A 266 2.89 -11.14 12.48
CA HIS A 266 2.81 -12.09 13.61
C HIS A 266 3.77 -13.22 13.35
N LEU A 267 4.56 -13.58 14.37
CA LEU A 267 5.43 -14.75 14.26
C LEU A 267 4.56 -15.96 14.46
N THR A 268 4.12 -16.55 13.35
CA THR A 268 3.36 -17.77 13.42
C THR A 268 4.32 -18.89 13.80
N PRO A 269 3.80 -19.91 14.49
CA PRO A 269 4.59 -21.12 14.59
C PRO A 269 5.27 -21.48 13.26
N GLU A 270 4.47 -21.61 12.21
CA GLU A 270 4.99 -22.01 10.90
C GLU A 270 6.19 -21.17 10.44
N LEU A 271 6.18 -19.87 10.72
CA LEU A 271 7.32 -18.98 10.44
C LEU A 271 8.41 -19.25 11.44
N ALA A 272 8.03 -19.16 12.70
CA ALA A 272 8.96 -19.40 13.79
C ALA A 272 9.87 -20.55 13.38
N GLN A 273 9.31 -21.73 13.20
CA GLN A 273 10.14 -22.93 12.96
C GLN A 273 10.80 -22.88 11.59
N ALA A 274 10.07 -22.41 10.58
CA ALA A 274 10.64 -22.22 9.23
C ALA A 274 12.02 -21.56 9.28
N MET A 275 12.23 -20.67 10.24
CA MET A 275 13.51 -20.00 10.45
C MET A 275 14.31 -20.70 11.53
N GLY A 276 14.28 -22.03 11.52
CA GLY A 276 15.07 -22.84 12.46
C GLY A 276 14.86 -22.57 13.94
N TYR A 277 13.82 -21.80 14.27
CA TYR A 277 13.48 -21.46 15.66
C TYR A 277 12.52 -22.54 16.24
N PRO A 278 12.02 -22.35 17.49
CA PRO A 278 10.95 -23.22 18.00
C PRO A 278 9.54 -22.66 17.74
N GLU A 279 8.57 -23.56 17.79
CA GLU A 279 7.18 -23.18 17.60
C GLU A 279 6.74 -22.41 18.85
N ASP A 280 7.14 -22.88 20.04
CA ASP A 280 6.82 -22.19 21.32
C ASP A 280 7.34 -20.74 21.41
N PHE A 281 8.30 -20.39 20.55
CA PHE A 281 8.99 -19.11 20.61
C PHE A 281 8.13 -17.95 20.17
N GLN A 282 8.34 -16.79 20.79
CA GLN A 282 7.50 -15.63 20.52
C GLN A 282 8.20 -14.30 20.42
N GLY A 283 7.54 -13.42 19.69
CA GLY A 283 7.99 -12.05 19.46
C GLY A 283 7.12 -11.49 18.35
N ALA A 284 7.38 -10.24 17.98
CA ALA A 284 6.88 -9.68 16.72
C ALA A 284 7.94 -9.94 15.66
N LEU A 285 7.51 -10.21 14.43
CA LEU A 285 8.46 -10.45 13.34
C LEU A 285 8.67 -9.21 12.51
N VAL A 286 9.83 -8.60 12.67
CA VAL A 286 10.21 -7.51 11.80
C VAL A 286 10.23 -8.05 10.36
N SER A 287 9.20 -7.68 9.58
CA SER A 287 9.05 -8.21 8.24
C SER A 287 9.86 -7.41 7.24
N GLN A 288 9.89 -6.08 7.39
CA GLN A 288 10.70 -5.27 6.52
C GLN A 288 11.03 -3.89 7.10
N VAL A 289 12.32 -3.57 7.15
CA VAL A 289 12.81 -2.29 7.64
C VAL A 289 13.13 -1.39 6.45
N ASN A 290 12.46 -0.23 6.39
CA ASN A 290 12.63 0.67 5.27
C ASN A 290 13.90 1.48 5.49
N PRO A 291 14.76 1.62 4.44
CA PRO A 291 16.05 2.32 4.52
C PRO A 291 15.99 3.72 5.10
N ASN A 292 17.07 4.11 5.78
CA ASN A 292 17.15 5.39 6.49
C ASN A 292 16.12 5.56 7.60
N SER A 293 15.38 4.49 7.92
CA SER A 293 14.45 4.55 9.01
C SER A 293 15.29 4.58 10.28
N PRO A 294 14.79 5.26 11.32
CA PRO A 294 15.55 5.23 12.57
C PRO A 294 15.77 3.80 13.06
N ALA A 295 14.95 2.87 12.58
CA ALA A 295 15.12 1.44 12.88
C ALA A 295 16.39 0.89 12.26
N GLU A 296 16.55 1.09 10.95
CA GLU A 296 17.77 0.66 10.26
C GLU A 296 18.96 1.37 10.89
N LEU A 297 18.73 2.64 11.25
CA LEU A 297 19.67 3.40 12.06
C LEU A 297 19.86 2.72 13.43
N ALA A 298 18.75 2.31 14.04
CA ALA A 298 18.77 1.59 15.32
C ALA A 298 19.42 0.21 15.25
N GLY A 299 19.77 -0.23 14.04
CA GLY A 299 20.44 -1.52 13.81
C GLY A 299 19.49 -2.64 13.45
N LEU A 300 18.28 -2.28 13.01
CA LEU A 300 17.17 -3.22 12.92
C LEU A 300 16.97 -3.67 11.48
N LYS A 301 16.83 -4.97 11.27
CA LYS A 301 16.63 -5.52 9.92
C LYS A 301 15.45 -6.50 9.83
N ALA A 302 15.04 -6.78 8.59
CA ALA A 302 13.95 -7.71 8.30
C ALA A 302 14.38 -9.11 8.70
N GLY A 303 13.44 -9.88 9.26
CA GLY A 303 13.75 -11.21 9.77
C GLY A 303 14.13 -11.19 11.24
N ASP A 304 14.30 -10.00 11.83
CA ASP A 304 14.46 -9.89 13.28
C ASP A 304 13.13 -10.22 13.97
N ILE A 305 13.22 -10.58 15.24
CA ILE A 305 12.02 -10.87 16.02
C ILE A 305 12.04 -10.02 17.26
N ILE A 306 11.34 -8.91 17.25
CA ILE A 306 11.36 -8.07 18.42
C ILE A 306 10.75 -8.85 19.56
N THR A 307 11.62 -9.23 20.46
CA THR A 307 11.24 -9.97 21.63
C THR A 307 10.75 -9.01 22.71
N GLN A 308 11.34 -7.81 22.76
CA GLN A 308 11.10 -6.92 23.87
C GLN A 308 11.46 -5.47 23.59
N ILE A 309 10.45 -4.66 23.34
CA ILE A 309 10.59 -3.23 23.47
C ILE A 309 10.59 -2.90 24.95
N ASN A 310 11.71 -2.36 25.44
CA ASN A 310 11.81 -1.88 26.82
C ASN A 310 11.27 -2.90 27.84
N ASP A 311 10.46 -2.46 28.81
CA ASP A 311 9.93 -3.37 29.84
C ASP A 311 8.90 -4.36 29.31
N THR A 312 8.17 -3.94 28.27
CA THR A 312 7.13 -4.76 27.62
C THR A 312 7.64 -6.00 26.87
N LYS A 313 7.19 -7.19 27.30
CA LYS A 313 7.41 -8.41 26.57
C LYS A 313 6.57 -8.33 25.31
N ILE A 314 7.24 -8.21 24.16
CA ILE A 314 6.55 -8.23 22.87
C ILE A 314 6.40 -9.68 22.48
N THR A 315 5.17 -10.14 22.54
CA THR A 315 4.78 -11.43 22.00
C THR A 315 3.58 -11.24 21.07
N GLN A 316 3.10 -10.01 20.99
CA GLN A 316 2.05 -9.63 20.08
C GLN A 316 2.66 -8.65 19.07
N ALA A 317 2.18 -8.73 17.82
CA ALA A 317 2.71 -7.92 16.70
C ALA A 317 2.25 -6.45 16.75
N THR A 318 1.05 -6.23 17.24
CA THR A 318 0.51 -4.89 17.33
C THR A 318 0.90 -4.20 18.64
N GLN A 319 1.66 -4.90 19.49
CA GLN A 319 2.18 -4.28 20.71
C GLN A 319 3.14 -3.17 20.36
N VAL A 320 4.14 -3.48 19.53
CA VAL A 320 5.13 -2.50 19.07
C VAL A 320 4.48 -1.13 18.91
N LYS A 321 3.39 -1.12 18.15
CA LYS A 321 2.59 0.08 17.94
C LYS A 321 2.06 0.59 19.29
N THR A 322 1.01 -0.01 19.86
CA THR A 322 0.41 0.51 21.12
C THR A 322 1.53 0.83 22.13
N THR A 323 2.50 -0.07 22.21
CA THR A 323 3.68 0.18 23.03
C THR A 323 4.28 1.53 22.66
N ILE A 324 4.74 1.66 21.42
CA ILE A 324 5.40 2.89 20.94
C ILE A 324 4.55 4.16 21.09
N SER A 325 3.32 4.10 20.60
CA SER A 325 2.41 5.26 20.57
C SER A 325 2.33 5.99 21.91
N LEU A 326 2.50 5.25 23.00
CA LEU A 326 2.36 5.78 24.36
C LEU A 326 3.72 6.27 24.94
N LEU A 327 4.62 6.70 24.04
CA LEU A 327 5.97 7.20 24.39
C LEU A 327 6.30 8.47 23.59
N ARG A 328 6.68 9.57 24.25
CA ARG A 328 6.90 10.83 23.53
C ARG A 328 8.19 10.88 22.73
N VAL A 329 8.30 11.92 21.89
CA VAL A 329 9.42 12.12 20.99
C VAL A 329 10.66 12.61 21.73
N GLY A 330 11.83 12.24 21.20
CA GLY A 330 13.10 12.49 21.87
C GLY A 330 13.34 11.57 23.06
N SER A 331 12.88 10.32 22.95
CA SER A 331 12.98 9.33 24.03
C SER A 331 13.77 8.11 23.55
N THR A 332 14.76 7.70 24.36
CA THR A 332 15.74 6.67 23.96
C THR A 332 15.34 5.24 24.33
N VAL A 333 14.90 4.50 23.32
CA VAL A 333 14.20 3.22 23.49
C VAL A 333 15.06 1.99 23.24
N LYS A 334 14.77 0.91 23.97
CA LYS A 334 15.56 -0.34 23.97
C LYS A 334 14.77 -1.51 23.40
N ILE A 335 15.02 -1.83 22.13
CA ILE A 335 14.39 -2.97 21.50
C ILE A 335 15.31 -4.17 21.63
N ILE A 336 14.87 -5.17 22.37
CA ILE A 336 15.55 -6.45 22.34
C ILE A 336 15.02 -7.20 21.11
N VAL A 337 15.89 -7.38 20.13
CA VAL A 337 15.58 -8.15 18.95
C VAL A 337 16.20 -9.52 19.14
N GLU A 338 15.70 -10.53 18.45
CA GLU A 338 16.31 -11.87 18.47
C GLU A 338 16.80 -12.27 17.09
N ARG A 339 18.11 -12.09 16.84
CA ARG A 339 18.71 -12.37 15.52
C ARG A 339 19.78 -13.46 15.56
N ASP A 340 19.64 -14.41 14.64
CA ASP A 340 20.54 -15.54 14.55
C ASP A 340 20.68 -16.20 15.92
N ASN A 341 19.56 -16.34 16.62
CA ASN A 341 19.46 -17.05 17.90
C ASN A 341 20.17 -16.41 19.10
N LYS A 342 20.35 -15.09 19.05
CA LYS A 342 20.97 -14.37 20.16
C LYS A 342 20.28 -13.03 20.41
N PRO A 343 20.09 -12.67 21.69
CA PRO A 343 19.47 -11.36 22.00
C PRO A 343 20.35 -10.17 21.62
N LEU A 344 19.73 -9.01 21.45
CA LEU A 344 20.43 -7.77 21.14
C LEU A 344 19.60 -6.60 21.62
N THR A 345 20.15 -5.75 22.47
CA THR A 345 19.55 -4.45 22.70
C THR A 345 19.90 -3.59 21.53
N LEU A 346 19.01 -2.66 21.22
CA LEU A 346 19.26 -1.69 20.19
C LEU A 346 18.93 -0.31 20.71
N SER A 347 19.94 0.55 20.72
CA SER A 347 19.77 1.96 20.99
C SER A 347 18.91 2.56 19.88
N ALA A 348 17.74 3.08 20.25
CA ALA A 348 16.82 3.70 19.28
C ALA A 348 16.20 4.99 19.81
N VAL A 349 15.51 5.73 18.93
CA VAL A 349 15.00 7.08 19.23
C VAL A 349 13.71 7.44 18.49
N VAL A 350 12.73 7.97 19.22
CA VAL A 350 11.43 8.38 18.66
C VAL A 350 11.54 9.82 18.14
N THR A 351 10.70 10.18 17.16
CA THR A 351 10.79 11.49 16.48
C THR A 351 9.44 12.13 16.04
N ASP A 352 9.22 13.38 16.45
CA ASP A 352 8.01 14.16 16.10
C ASP A 352 8.07 14.67 14.66
#